data_6EPP
#
_entry.id   6EPP
#
_cell.length_a   149.980
_cell.length_b   149.980
_cell.length_c   200.370
_cell.angle_alpha   90.00
_cell.angle_beta   90.00
_cell.angle_gamma   90.00
#
_symmetry.space_group_name_H-M   'I 4 2 2'
#
loop_
_entity.id
_entity.type
_entity.pdbx_description
1 polymer 'GTPase KRas'
2 polymer 'Son of sevenless homolog 1'
3 non-polymer GLYCEROL
4 non-polymer 'ethyl 2-(aminomethyl)-5-~{tert}-butyl-furan-3-carboxylate'
5 water water
#
loop_
_entity_poly.entity_id
_entity_poly.type
_entity_poly.pdbx_seq_one_letter_code
_entity_poly.pdbx_strand_id
1 'polypeptide(L)'
;GMTEYKLVVVGACGVGKSALTIQLIQNHFVDEYDPTIEDSYRKQVVIDGETCLLDILDTAGQEEYSAMRDQYMRTGEGFL
CVFAINNTKSFEDIHHYREQIKRVKDSEDVPMVLVGNKSDLPSRTVESRQAQDLARSYGIPFIETSAKTRQGVDDAFYTL
VREIRKHKEK
;
R
2 'polypeptide(L)'
;GEEQMRLPSADVYRFAEPDSEENIIFEENMQPKAGIPIIKAGTVIKLIERLTYHMYADPNFVRTFLTTYRSFCKPQELLS
LIIERFEIPEPEPTEADRIAIENGDQPLSAELKRFRKEYIQPVQLRVLNVCRHWVEHHFYDFERDAYLLQRMEEFIGTVR
GKAMKKWVESITKIIQRKKIARDNGPGHNITFQSSPPTVEWHISRPGHIETFDLLTLHPIEIARQLTLLESDLYRAVQPS
ELVGSVWTKEDKEINSPNLLKMIRHTTNLTLWFEKCIVETENLEERVAVVSRIIEILQVFQELNNFNGVLEVVSAMNSSP
VYRLDHTFEQIPSRQKKILEEAHELSEDHYKKYLAKLRSINPPCVPFFGIYLTNILKTEEGNPEVLKRHGKELINFSKRR
KVAEITGEIQQYQNQPYCLRVESDIKRFFENLNPMGNSMEKEFTDYLFNKSLEIEPRNPKPLPRFPKKYSYPLKSPGVRP
SNPRPGT
;
S
#
# COMPACT_ATOMS: atom_id res chain seq x y z
N MET A 2 -23.64 -5.31 23.79
CA MET A 2 -23.46 -6.11 22.53
C MET A 2 -22.01 -6.55 22.32
N THR A 3 -21.81 -7.86 22.22
CA THR A 3 -20.48 -8.43 22.13
C THR A 3 -19.87 -8.11 20.77
N GLU A 4 -18.56 -7.92 20.77
CA GLU A 4 -17.81 -7.57 19.58
C GLU A 4 -16.66 -8.56 19.40
N TYR A 5 -16.57 -9.16 18.22
CA TYR A 5 -15.52 -10.12 17.91
C TYR A 5 -14.51 -9.51 16.94
N LYS A 6 -13.25 -9.48 17.39
CA LYS A 6 -12.12 -9.03 16.59
C LYS A 6 -11.52 -10.22 15.82
N LEU A 7 -11.84 -10.26 14.53
CA LEU A 7 -11.42 -11.30 13.61
C LEU A 7 -10.25 -10.79 12.76
N VAL A 8 -9.32 -11.68 12.43
CA VAL A 8 -8.15 -11.35 11.62
C VAL A 8 -8.06 -12.41 10.54
N VAL A 9 -7.85 -11.97 9.29
CA VAL A 9 -7.75 -12.83 8.11
C VAL A 9 -6.26 -12.89 7.74
N VAL A 10 -5.70 -14.08 7.52
CA VAL A 10 -4.28 -14.24 7.19
C VAL A 10 -4.19 -15.16 6.00
N GLY A 11 -3.13 -15.07 5.21
CA GLY A 11 -3.06 -15.91 4.02
C GLY A 11 -2.07 -15.34 3.06
N ALA A 12 -1.71 -16.11 2.05
CA ALA A 12 -0.76 -15.65 1.05
C ALA A 12 -1.39 -14.63 0.10
N CYS A 13 -0.56 -13.87 -0.59
CA CYS A 13 -1.08 -12.94 -1.63
C CYS A 13 -1.56 -13.68 -2.87
N GLY A 14 -2.48 -13.06 -3.61
CA GLY A 14 -3.12 -13.66 -4.78
C GLY A 14 -4.00 -14.83 -4.37
N VAL A 15 -4.80 -14.59 -3.34
CA VAL A 15 -5.63 -15.63 -2.76
C VAL A 15 -7.10 -15.21 -2.62
N GLY A 16 -7.39 -13.92 -2.87
CA GLY A 16 -8.72 -13.36 -2.71
C GLY A 16 -9.16 -13.28 -1.26
N LYS A 17 -8.22 -12.98 -0.36
CA LYS A 17 -8.58 -12.73 1.03
C LYS A 17 -9.51 -11.54 1.10
N SER A 18 -9.10 -10.54 0.31
CA SER A 18 -9.86 -9.31 0.09
C SER A 18 -11.29 -9.61 -0.17
N ALA A 19 -11.53 -10.45 -1.17
CA ALA A 19 -12.86 -10.73 -1.66
C ALA A 19 -13.67 -11.41 -0.57
N LEU A 20 -13.04 -12.30 0.17
CA LEU A 20 -13.72 -12.95 1.24
C LEU A 20 -14.32 -11.92 2.20
N THR A 21 -13.53 -10.96 2.64
CA THR A 21 -14.03 -10.00 3.62
C THR A 21 -14.93 -9.00 2.99
N ILE A 22 -14.62 -8.58 1.77
CA ILE A 22 -15.46 -7.61 1.09
C ILE A 22 -16.85 -8.16 0.89
N GLN A 23 -16.94 -9.44 0.52
CA GLN A 23 -18.23 -10.07 0.25
C GLN A 23 -19.04 -10.24 1.54
N LEU A 24 -18.40 -10.43 2.70
CA LEU A 24 -19.14 -10.44 3.97
C LEU A 24 -19.81 -9.11 4.22
N ILE A 25 -19.03 -8.05 4.10
CA ILE A 25 -19.44 -6.74 4.58
C ILE A 25 -20.39 -6.09 3.66
N GLN A 26 -20.20 -6.24 2.35
CA GLN A 26 -21.09 -5.53 1.47
C GLN A 26 -22.45 -6.20 1.42
N ASN A 27 -23.42 -5.40 0.99
CA ASN A 27 -24.74 -5.88 0.76
C ASN A 27 -24.70 -7.03 -0.19
N HIS A 28 -25.50 -8.03 0.14
CA HIS A 28 -25.69 -9.23 -0.68
C HIS A 28 -25.90 -8.88 -2.20
N PHE A 29 -26.36 -7.65 -2.53
CA PHE A 29 -26.71 -7.21 -3.92
C PHE A 29 -26.17 -5.85 -4.37
N VAL A 30 -25.09 -5.40 -3.76
CA VAL A 30 -24.32 -4.30 -4.31
C VAL A 30 -22.89 -4.83 -4.47
N ASP A 31 -22.26 -4.43 -5.58
CA ASP A 31 -20.82 -4.62 -5.79
C ASP A 31 -20.19 -3.22 -5.76
N GLU A 32 -19.94 -2.77 -4.53
CA GLU A 32 -19.41 -1.45 -4.27
C GLU A 32 -18.70 -1.51 -2.95
N TYR A 33 -17.67 -0.69 -2.79
CA TYR A 33 -16.84 -0.80 -1.63
C TYR A 33 -15.85 0.33 -1.59
N ASP A 34 -15.86 1.08 -0.50
CA ASP A 34 -14.84 2.08 -0.25
C ASP A 34 -14.18 1.65 1.04
N PRO A 35 -12.95 1.12 0.95
CA PRO A 35 -12.26 0.64 2.14
C PRO A 35 -11.73 1.76 3.09
N THR A 36 -11.94 3.03 2.76
CA THR A 36 -11.42 4.13 3.56
C THR A 36 -12.33 4.52 4.75
N ILE A 37 -13.62 4.17 4.71
CA ILE A 37 -14.56 4.60 5.76
C ILE A 37 -14.67 3.53 6.86
N GLU A 38 -15.23 3.85 8.04
CA GLU A 38 -15.30 2.86 9.16
C GLU A 38 -16.22 1.62 8.92
N ASP A 39 -17.38 1.84 8.31
CA ASP A 39 -18.29 0.75 7.93
C ASP A 39 -17.65 -0.31 7.02
N SER A 40 -16.49 0.01 6.41
CA SER A 40 -15.69 -0.94 5.62
C SER A 40 -15.43 -2.25 6.31
N TYR A 41 -15.09 -2.19 7.59
CA TYR A 41 -14.57 -3.39 8.28
C TYR A 41 -15.37 -3.80 9.52
N ARG A 42 -16.54 -3.19 9.74
CA ARG A 42 -17.42 -3.54 10.86
C ARG A 42 -18.82 -3.89 10.41
N LYS A 43 -19.34 -5.03 10.88
CA LYS A 43 -20.69 -5.44 10.52
C LYS A 43 -21.45 -6.01 11.69
N GLN A 44 -22.69 -5.57 11.85
CA GLN A 44 -23.54 -6.12 12.87
C GLN A 44 -24.28 -7.30 12.29
N VAL A 45 -24.33 -8.40 12.99
CA VAL A 45 -24.94 -9.62 12.48
C VAL A 45 -25.61 -10.37 13.61
N VAL A 46 -26.50 -11.29 13.26
CA VAL A 46 -27.13 -12.17 14.22
C VAL A 46 -26.64 -13.56 13.91
N ILE A 47 -26.09 -14.21 14.93
CA ILE A 47 -25.57 -15.58 14.82
C ILE A 47 -26.17 -16.45 15.94
N ASP A 48 -26.79 -17.56 15.56
CA ASP A 48 -27.51 -18.42 16.50
C ASP A 48 -28.36 -17.54 17.43
N GLY A 49 -29.09 -16.60 16.82
CA GLY A 49 -29.94 -15.66 17.54
C GLY A 49 -29.29 -14.74 18.56
N GLU A 50 -27.98 -14.61 18.53
CA GLU A 50 -27.27 -13.65 19.36
C GLU A 50 -26.72 -12.58 18.45
N THR A 51 -27.26 -11.37 18.55
CA THR A 51 -26.78 -10.21 17.82
C THR A 51 -25.36 -9.86 18.29
N CYS A 52 -24.48 -9.56 17.34
CA CYS A 52 -23.10 -9.15 17.68
C CYS A 52 -22.43 -8.34 16.57
N LEU A 53 -21.24 -7.87 16.88
CA LEU A 53 -20.50 -6.97 16.04
C LEU A 53 -19.19 -7.63 15.62
N LEU A 54 -19.00 -7.77 14.31
CA LEU A 54 -17.74 -8.25 13.76
C LEU A 54 -16.88 -7.09 13.35
N ASP A 55 -15.63 -7.13 13.81
CA ASP A 55 -14.59 -6.21 13.41
C ASP A 55 -13.53 -7.07 12.74
N ILE A 56 -13.31 -6.84 11.46
CA ILE A 56 -12.47 -7.71 10.67
C ILE A 56 -11.25 -6.98 10.16
N LEU A 57 -10.08 -7.52 10.49
CA LEU A 57 -8.81 -7.00 9.99
C LEU A 57 -8.33 -7.83 8.82
N ASP A 58 -8.19 -7.18 7.68
CA ASP A 58 -7.66 -7.81 6.49
C ASP A 58 -6.54 -6.90 6.02
N THR A 59 -5.29 -7.36 6.09
CA THR A 59 -4.19 -6.53 5.64
C THR A 59 -3.71 -6.93 4.24
N ALA A 60 -4.59 -7.56 3.48
CA ALA A 60 -4.26 -7.88 2.09
C ALA A 60 -3.50 -6.73 1.40
N GLY A 61 -2.37 -7.09 0.80
CA GLY A 61 -1.47 -6.15 0.15
C GLY A 61 -0.24 -5.80 0.97
N GLN A 62 -0.24 -6.16 2.26
CA GLN A 62 0.89 -5.86 3.15
C GLN A 62 1.78 -7.08 3.48
N GLU A 63 1.64 -8.14 2.69
CA GLU A 63 2.29 -9.43 2.91
C GLU A 63 3.80 -9.29 2.95
N GLU A 64 4.36 -8.38 2.15
CA GLU A 64 5.79 -8.09 2.18
C GLU A 64 6.30 -7.44 3.46
N TYR A 65 5.44 -6.79 4.25
CA TYR A 65 5.87 -6.33 5.57
C TYR A 65 5.83 -7.57 6.50
N SER A 66 6.74 -8.52 6.30
CA SER A 66 6.64 -9.82 6.99
C SER A 66 6.84 -9.66 8.50
N ALA A 67 7.58 -8.65 8.91
CA ALA A 67 7.79 -8.42 10.32
C ALA A 67 6.64 -7.73 11.08
N MET A 68 5.56 -7.36 10.39
CA MET A 68 4.40 -6.75 11.05
C MET A 68 3.31 -7.76 11.33
N ARG A 69 3.50 -9.00 10.90
CA ARG A 69 2.47 -10.01 11.07
C ARG A 69 2.14 -10.22 12.55
N ASP A 70 3.17 -10.36 13.39
CA ASP A 70 2.93 -10.53 14.81
C ASP A 70 2.05 -9.40 15.36
N GLN A 71 2.42 -8.16 15.07
CA GLN A 71 1.60 -7.02 15.51
C GLN A 71 0.14 -7.17 15.08
N TYR A 72 -0.10 -7.46 13.80
CA TYR A 72 -1.47 -7.54 13.28
C TYR A 72 -2.21 -8.72 13.92
N MET A 73 -1.53 -9.87 13.97
CA MET A 73 -2.12 -11.05 14.59
C MET A 73 -2.48 -10.83 16.04
N ARG A 74 -1.63 -10.14 16.82
CA ARG A 74 -1.92 -9.94 18.25
C ARG A 74 -3.31 -9.27 18.43
N THR A 75 -3.74 -8.42 17.48
CA THR A 75 -5.05 -7.75 17.62
C THR A 75 -6.28 -8.68 17.63
N GLY A 76 -6.15 -9.91 17.13
CA GLY A 76 -7.31 -10.82 16.96
C GLY A 76 -7.63 -11.77 18.10
N GLU A 77 -8.93 -12.11 18.23
CA GLU A 77 -9.38 -13.20 19.08
C GLU A 77 -9.58 -14.45 18.24
N GLY A 78 -9.91 -14.26 16.96
CA GLY A 78 -10.11 -15.39 16.08
C GLY A 78 -9.55 -15.14 14.72
N PHE A 79 -9.22 -16.22 14.03
CA PHE A 79 -8.49 -16.13 12.78
C PHE A 79 -9.09 -16.97 11.68
N LEU A 80 -9.15 -16.40 10.49
CA LEU A 80 -9.42 -17.13 9.29
C LEU A 80 -8.12 -17.29 8.56
N CYS A 81 -7.68 -18.53 8.39
CA CYS A 81 -6.51 -18.87 7.60
C CYS A 81 -6.98 -19.30 6.23
N VAL A 82 -6.64 -18.51 5.22
CA VAL A 82 -7.21 -18.60 3.90
C VAL A 82 -6.18 -19.00 2.86
N PHE A 83 -6.57 -19.91 2.00
CA PHE A 83 -5.75 -20.30 0.88
C PHE A 83 -6.67 -20.32 -0.32
N ALA A 84 -6.08 -20.35 -1.50
CA ALA A 84 -6.81 -20.47 -2.75
C ALA A 84 -6.72 -21.90 -3.27
N ILE A 85 -7.87 -22.46 -3.66
CA ILE A 85 -7.98 -23.86 -4.08
C ILE A 85 -7.20 -24.16 -5.36
N ASN A 86 -6.80 -23.11 -6.06
CA ASN A 86 -5.98 -23.25 -7.23
C ASN A 86 -4.53 -22.83 -7.03
N ASN A 87 -4.09 -22.77 -5.78
CA ASN A 87 -2.70 -22.44 -5.50
C ASN A 87 -2.18 -23.35 -4.42
N THR A 88 -1.46 -24.41 -4.79
CA THR A 88 -0.96 -25.36 -3.83
C THR A 88 -0.03 -24.73 -2.79
N LYS A 89 0.80 -23.78 -3.20
CA LYS A 89 1.72 -23.17 -2.27
C LYS A 89 0.99 -22.40 -1.15
N SER A 90 -0.10 -21.72 -1.46
CA SER A 90 -0.83 -21.02 -0.42
C SER A 90 -1.43 -22.01 0.56
N PHE A 91 -1.76 -23.20 0.08
CA PHE A 91 -2.24 -24.25 0.97
C PHE A 91 -1.13 -24.80 1.88
N GLU A 92 0.02 -25.09 1.30
CA GLU A 92 1.19 -25.54 2.08
C GLU A 92 1.70 -24.52 3.11
N ASP A 93 1.42 -23.23 2.87
CA ASP A 93 1.81 -22.14 3.78
C ASP A 93 0.98 -22.06 5.05
N ILE A 94 -0.22 -22.64 5.02
CA ILE A 94 -1.12 -22.60 6.17
C ILE A 94 -0.45 -23.04 7.47
N HIS A 95 0.28 -24.15 7.43
N HIS A 95 0.32 -24.14 7.41
CA HIS A 95 1.00 -24.65 8.61
CA HIS A 95 0.97 -24.66 8.62
C HIS A 95 1.72 -23.49 9.27
C HIS A 95 1.87 -23.61 9.28
N HIS A 96 2.48 -22.74 8.48
CA HIS A 96 3.29 -21.66 9.01
C HIS A 96 2.43 -20.57 9.67
N TYR A 97 1.31 -20.20 9.05
CA TYR A 97 0.44 -19.17 9.63
C TYR A 97 -0.13 -19.64 10.98
N ARG A 98 -0.59 -20.88 11.04
CA ARG A 98 -1.13 -21.41 12.29
C ARG A 98 -0.03 -21.39 13.35
N GLU A 99 1.20 -21.80 13.01
CA GLU A 99 2.26 -21.88 14.04
C GLU A 99 2.52 -20.47 14.58
N GLN A 100 2.48 -19.50 13.69
CA GLN A 100 2.78 -18.14 14.09
C GLN A 100 1.68 -17.55 14.96
N ILE A 101 0.43 -17.81 14.60
CA ILE A 101 -0.71 -17.42 15.43
C ILE A 101 -0.60 -17.99 16.83
N LYS A 102 -0.29 -19.28 16.92
CA LYS A 102 -0.19 -19.94 18.24
C LYS A 102 0.87 -19.28 19.08
N ARG A 103 1.97 -18.91 18.46
CA ARG A 103 3.05 -18.25 19.17
C ARG A 103 2.68 -16.82 19.57
N VAL A 104 2.05 -16.08 18.67
CA VAL A 104 1.63 -14.72 18.99
C VAL A 104 0.65 -14.68 20.17
N LYS A 105 -0.37 -15.53 20.13
CA LYS A 105 -1.39 -15.61 21.20
C LYS A 105 -0.92 -16.44 22.40
N ASP A 106 0.25 -17.05 22.28
CA ASP A 106 0.82 -17.86 23.35
C ASP A 106 -0.15 -18.94 23.85
N SER A 107 -0.70 -19.69 22.92
CA SER A 107 -1.74 -20.64 23.24
C SER A 107 -1.81 -21.74 22.18
N GLU A 108 -2.03 -22.96 22.65
CA GLU A 108 -2.11 -24.13 21.79
C GLU A 108 -3.48 -24.23 21.13
N ASP A 109 -4.46 -23.52 21.69
CA ASP A 109 -5.83 -23.63 21.26
C ASP A 109 -6.37 -22.23 20.98
N VAL A 110 -6.21 -21.79 19.74
CA VAL A 110 -6.69 -20.47 19.37
C VAL A 110 -7.83 -20.64 18.40
N PRO A 111 -8.92 -19.90 18.62
CA PRO A 111 -10.06 -20.02 17.70
C PRO A 111 -9.67 -19.70 16.26
N MET A 112 -9.99 -20.62 15.35
CA MET A 112 -9.39 -20.63 14.02
C MET A 112 -10.24 -21.45 13.07
N VAL A 113 -10.33 -21.03 11.81
CA VAL A 113 -11.01 -21.83 10.79
C VAL A 113 -10.15 -21.81 9.57
N LEU A 114 -10.15 -22.92 8.83
CA LEU A 114 -9.43 -22.99 7.56
C LEU A 114 -10.43 -22.66 6.47
N VAL A 115 -10.01 -21.85 5.52
CA VAL A 115 -10.90 -21.42 4.45
C VAL A 115 -10.22 -21.59 3.12
N GLY A 116 -10.84 -22.34 2.22
CA GLY A 116 -10.30 -22.49 0.87
C GLY A 116 -11.17 -21.69 -0.07
N ASN A 117 -10.59 -20.77 -0.82
CA ASN A 117 -11.39 -19.89 -1.63
C ASN A 117 -11.20 -20.17 -3.11
N LYS A 118 -12.32 -20.25 -3.82
CA LYS A 118 -12.33 -20.40 -5.26
C LYS A 118 -12.65 -19.03 -5.90
N SER A 119 -11.82 -18.53 -6.81
CA SER A 119 -12.20 -17.35 -7.59
C SER A 119 -12.38 -17.78 -9.03
N ASP A 120 -11.37 -17.60 -9.86
CA ASP A 120 -11.50 -17.92 -11.27
C ASP A 120 -10.19 -18.61 -11.65
N LEU A 121 -10.05 -18.99 -12.91
CA LEU A 121 -9.00 -19.92 -13.32
C LEU A 121 -7.59 -19.39 -12.98
N PRO A 122 -6.54 -20.23 -12.86
CA PRO A 122 -6.55 -21.66 -13.22
C PRO A 122 -7.45 -22.56 -12.35
N SER A 123 -7.44 -23.85 -12.67
CA SER A 123 -8.37 -24.77 -12.07
C SER A 123 -7.82 -25.31 -10.75
N ARG A 124 -8.69 -25.99 -10.04
CA ARG A 124 -8.40 -26.51 -8.72
C ARG A 124 -7.16 -27.38 -8.71
N THR A 125 -6.29 -27.14 -7.73
CA THR A 125 -5.17 -28.01 -7.46
C THR A 125 -5.20 -28.60 -6.04
N VAL A 126 -6.06 -28.09 -5.18
CA VAL A 126 -6.24 -28.59 -3.83
C VAL A 126 -7.66 -29.15 -3.71
N GLU A 127 -7.75 -30.46 -3.67
CA GLU A 127 -9.02 -31.14 -3.46
C GLU A 127 -9.49 -30.88 -2.03
N SER A 128 -10.80 -30.81 -1.86
CA SER A 128 -11.34 -30.43 -0.57
C SER A 128 -11.01 -31.50 0.44
N ARG A 129 -10.93 -32.74 -0.01
CA ARG A 129 -10.48 -33.82 0.87
C ARG A 129 -9.15 -33.48 1.56
N GLN A 130 -8.18 -32.99 0.77
CA GLN A 130 -6.88 -32.67 1.33
C GLN A 130 -7.01 -31.64 2.43
N ALA A 131 -7.91 -30.67 2.24
CA ALA A 131 -8.08 -29.61 3.25
C ALA A 131 -8.85 -30.09 4.46
N GLN A 132 -9.88 -30.91 4.24
CA GLN A 132 -10.58 -31.57 5.36
C GLN A 132 -9.57 -32.32 6.24
N ASP A 133 -8.64 -33.01 5.61
CA ASP A 133 -7.66 -33.79 6.35
C ASP A 133 -6.76 -32.87 7.19
N LEU A 134 -6.33 -31.76 6.61
CA LEU A 134 -5.47 -30.83 7.32
C LEU A 134 -6.22 -30.20 8.48
N ALA A 135 -7.41 -29.70 8.19
CA ALA A 135 -8.23 -29.08 9.23
C ALA A 135 -8.45 -30.05 10.38
N ARG A 136 -8.69 -31.31 10.04
CA ARG A 136 -8.89 -32.31 11.06
C ARG A 136 -7.63 -32.56 11.92
N SER A 137 -6.45 -32.51 11.32
CA SER A 137 -5.20 -32.72 12.06
C SER A 137 -4.96 -31.59 13.05
N TYR A 138 -5.48 -30.41 12.72
CA TYR A 138 -5.40 -29.25 13.61
C TYR A 138 -6.54 -29.16 14.62
N GLY A 139 -7.57 -29.99 14.45
CA GLY A 139 -8.79 -29.85 15.27
C GLY A 139 -9.62 -28.58 15.04
N ILE A 140 -9.67 -28.11 13.78
CA ILE A 140 -10.43 -26.91 13.42
C ILE A 140 -11.36 -27.10 12.22
N PRO A 141 -12.39 -26.26 12.10
CA PRO A 141 -13.28 -26.41 10.93
C PRO A 141 -12.66 -25.99 9.62
N PHE A 142 -13.16 -26.59 8.54
CA PHE A 142 -12.82 -26.21 7.19
C PHE A 142 -14.09 -25.74 6.49
N ILE A 143 -13.99 -24.62 5.78
CA ILE A 143 -15.10 -24.06 4.99
C ILE A 143 -14.55 -23.71 3.59
N GLU A 144 -15.26 -24.12 2.54
CA GLU A 144 -14.89 -23.75 1.19
C GLU A 144 -15.87 -22.67 0.72
N THR A 145 -15.33 -21.64 0.09
CA THR A 145 -16.09 -20.48 -0.34
C THR A 145 -15.86 -20.17 -1.81
N SER A 146 -16.81 -19.49 -2.42
CA SER A 146 -16.63 -18.97 -3.76
C SER A 146 -16.80 -17.47 -3.69
N ALA A 147 -15.72 -16.77 -4.04
CA ALA A 147 -15.65 -15.32 -4.08
C ALA A 147 -16.86 -14.72 -4.79
N LYS A 148 -16.95 -15.05 -6.07
CA LYS A 148 -17.92 -14.49 -6.98
C LYS A 148 -19.41 -14.86 -6.78
N THR A 149 -19.77 -15.95 -6.09
CA THR A 149 -21.17 -16.27 -5.96
C THR A 149 -21.64 -16.09 -4.57
N ARG A 150 -20.72 -15.64 -3.73
N ARG A 150 -20.78 -15.57 -3.71
CA ARG A 150 -20.95 -15.46 -2.30
CA ARG A 150 -21.07 -15.45 -2.29
C ARG A 150 -21.27 -16.75 -1.53
C ARG A 150 -21.14 -16.77 -1.49
N GLN A 151 -21.14 -17.92 -2.17
CA GLN A 151 -21.32 -19.22 -1.48
C GLN A 151 -20.24 -19.48 -0.42
N GLY A 152 -20.66 -19.83 0.79
CA GLY A 152 -19.76 -20.17 1.88
C GLY A 152 -19.25 -19.02 2.74
N VAL A 153 -19.44 -17.79 2.31
CA VAL A 153 -18.78 -16.66 2.95
C VAL A 153 -19.29 -16.44 4.37
N ASP A 154 -20.60 -16.26 4.52
CA ASP A 154 -21.23 -16.21 5.86
C ASP A 154 -20.82 -17.40 6.71
N ASP A 155 -20.93 -18.60 6.15
CA ASP A 155 -20.63 -19.82 6.88
C ASP A 155 -19.22 -19.73 7.49
N ALA A 156 -18.27 -19.20 6.73
CA ALA A 156 -16.90 -19.12 7.18
C ALA A 156 -16.70 -18.24 8.41
N PHE A 157 -17.26 -17.03 8.36
CA PHE A 157 -17.17 -16.10 9.46
C PHE A 157 -18.02 -16.55 10.65
N TYR A 158 -19.22 -17.03 10.39
CA TYR A 158 -20.09 -17.43 11.48
C TYR A 158 -19.50 -18.61 12.21
N THR A 159 -18.89 -19.51 11.47
CA THR A 159 -18.29 -20.66 12.08
C THR A 159 -17.18 -20.21 13.01
N LEU A 160 -16.44 -19.17 12.62
CA LEU A 160 -15.34 -18.71 13.45
C LEU A 160 -15.85 -18.09 14.75
N VAL A 161 -16.91 -17.30 14.62
CA VAL A 161 -17.57 -16.77 15.77
C VAL A 161 -18.06 -17.88 16.71
N ARG A 162 -18.61 -18.96 16.17
CA ARG A 162 -19.02 -20.10 17.02
C ARG A 162 -17.78 -20.66 17.76
N GLU A 163 -16.66 -20.76 17.04
CA GLU A 163 -15.43 -21.27 17.63
C GLU A 163 -14.97 -20.42 18.81
N ILE A 164 -15.10 -19.10 18.68
CA ILE A 164 -14.76 -18.19 19.78
C ILE A 164 -15.67 -18.39 20.98
N ARG A 165 -16.97 -18.49 20.72
CA ARG A 165 -17.93 -18.71 21.81
C ARG A 165 -17.64 -20.00 22.58
N LYS A 166 -17.45 -21.12 21.87
CA LYS A 166 -17.07 -22.41 22.48
C LYS A 166 -15.77 -22.31 23.29
N HIS A 167 -14.81 -21.58 22.75
CA HIS A 167 -13.53 -21.37 23.42
C HIS A 167 -13.71 -20.58 24.73
N LYS A 168 -14.50 -19.52 24.69
CA LYS A 168 -14.75 -18.70 25.89
C LYS A 168 -15.52 -19.40 27.00
N GLU A 169 -16.39 -20.34 26.64
CA GLU A 169 -17.14 -21.10 27.64
C GLU A 169 -16.36 -22.36 28.07
N GLU B 3 -29.15 27.13 -30.61
CA GLU B 3 -28.64 26.33 -31.78
C GLU B 3 -27.58 25.31 -31.31
N GLN B 4 -27.83 24.03 -31.63
CA GLN B 4 -26.88 22.91 -31.41
C GLN B 4 -25.73 23.03 -32.44
N MET B 5 -24.98 21.97 -32.76
CA MET B 5 -23.80 22.16 -33.63
C MET B 5 -23.62 21.30 -34.90
N ARG B 6 -24.32 20.16 -35.04
CA ARG B 6 -24.28 19.36 -36.27
C ARG B 6 -22.86 18.88 -36.61
N LEU B 7 -22.54 17.69 -36.12
CA LEU B 7 -21.26 17.05 -36.32
C LEU B 7 -21.46 16.16 -37.54
N PRO B 8 -20.45 15.35 -37.93
CA PRO B 8 -20.70 14.34 -38.99
C PRO B 8 -21.38 13.07 -38.46
N SER B 9 -21.80 12.18 -39.36
CA SER B 9 -22.49 10.95 -38.93
C SER B 9 -21.50 10.09 -38.15
N ALA B 10 -22.02 9.28 -37.23
CA ALA B 10 -21.20 8.38 -36.44
C ALA B 10 -20.52 7.31 -37.30
N ASP B 11 -21.19 6.97 -38.41
CA ASP B 11 -20.66 6.08 -39.46
C ASP B 11 -19.30 6.50 -40.01
N VAL B 12 -18.98 7.79 -39.96
CA VAL B 12 -17.71 8.30 -40.44
C VAL B 12 -16.82 8.84 -39.32
N TYR B 13 -17.37 9.01 -38.13
CA TYR B 13 -16.63 9.58 -37.04
C TYR B 13 -17.30 9.11 -35.76
N ARG B 14 -16.66 8.16 -35.09
CA ARG B 14 -17.32 7.40 -34.03
C ARG B 14 -17.68 8.26 -32.79
N PHE B 15 -16.97 9.36 -32.57
CA PHE B 15 -17.21 10.21 -31.39
C PHE B 15 -18.40 11.17 -31.56
N ALA B 16 -19.08 11.11 -32.70
CA ALA B 16 -20.27 11.91 -32.94
C ALA B 16 -21.49 11.30 -32.33
N GLU B 17 -21.44 10.00 -32.05
CA GLU B 17 -22.51 9.32 -31.42
C GLU B 17 -22.92 10.16 -30.23
N PRO B 18 -24.21 10.38 -30.05
CA PRO B 18 -24.73 11.15 -28.92
C PRO B 18 -24.64 10.40 -27.60
N ASP B 19 -24.68 11.13 -26.50
CA ASP B 19 -24.65 10.51 -25.19
C ASP B 19 -25.96 9.83 -24.96
N SER B 20 -25.93 8.71 -24.24
CA SER B 20 -27.16 8.02 -23.84
C SER B 20 -26.91 7.15 -22.62
N GLU B 21 -27.97 6.87 -21.86
CA GLU B 21 -27.92 5.88 -20.76
C GLU B 21 -27.12 4.61 -21.09
N GLU B 22 -26.98 4.26 -22.38
CA GLU B 22 -26.24 3.07 -22.83
C GLU B 22 -24.75 3.28 -23.11
N ASN B 23 -24.25 4.50 -23.05
CA ASN B 23 -22.82 4.72 -23.31
C ASN B 23 -22.09 5.65 -22.35
N ILE B 24 -22.79 6.41 -21.53
CA ILE B 24 -22.11 7.26 -20.58
C ILE B 24 -23.02 7.58 -19.41
N ILE B 25 -22.50 7.44 -18.18
CA ILE B 25 -23.27 7.78 -16.99
C ILE B 25 -22.43 8.54 -15.98
N PHE B 26 -23.13 9.31 -15.14
CA PHE B 26 -22.53 10.28 -14.23
C PHE B 26 -22.93 10.01 -12.79
N GLU B 27 -22.06 10.41 -11.85
CA GLU B 27 -22.38 10.42 -10.41
C GLU B 27 -23.35 11.57 -10.18
N GLU B 28 -24.13 11.55 -9.11
CA GLU B 28 -25.07 12.67 -8.86
C GLU B 28 -24.42 14.08 -8.57
N ASN B 29 -23.11 14.16 -8.25
CA ASN B 29 -22.41 15.48 -7.91
C ASN B 29 -21.37 16.10 -8.94
N MET B 30 -20.83 17.28 -8.59
CA MET B 30 -20.05 18.07 -9.56
C MET B 30 -18.60 18.24 -9.21
N GLN B 31 -17.75 18.10 -10.24
CA GLN B 31 -16.30 18.17 -10.07
C GLN B 31 -15.97 19.36 -9.25
N PRO B 32 -15.24 19.16 -8.16
CA PRO B 32 -15.03 20.27 -7.28
C PRO B 32 -13.97 21.22 -7.84
N LYS B 33 -14.07 22.50 -7.45
CA LYS B 33 -13.35 23.64 -8.07
C LYS B 33 -13.86 24.03 -9.47
N ALA B 34 -14.34 23.05 -10.27
CA ALA B 34 -14.50 23.21 -11.72
C ALA B 34 -15.93 23.21 -12.30
N GLY B 35 -16.92 22.71 -11.58
CA GLY B 35 -18.31 22.70 -12.07
C GLY B 35 -18.61 21.75 -13.22
N ILE B 36 -17.78 20.75 -13.42
CA ILE B 36 -17.88 19.77 -14.48
C ILE B 36 -18.53 18.50 -13.93
N PRO B 37 -19.34 17.81 -14.74
CA PRO B 37 -19.91 16.56 -14.19
C PRO B 37 -18.90 15.44 -13.95
N ILE B 38 -19.15 14.62 -12.94
CA ILE B 38 -18.22 13.55 -12.62
C ILE B 38 -18.66 12.29 -13.34
N ILE B 39 -17.83 11.80 -14.23
CA ILE B 39 -18.16 10.63 -15.00
C ILE B 39 -18.05 9.40 -14.13
N LYS B 40 -19.10 8.57 -14.13
CA LYS B 40 -19.11 7.32 -13.37
C LYS B 40 -18.60 6.13 -14.20
N ALA B 41 -19.12 6.08 -15.43
CA ALA B 41 -18.82 5.00 -16.37
C ALA B 41 -19.11 5.39 -17.80
N GLY B 42 -18.41 4.75 -18.74
CA GLY B 42 -18.70 4.95 -20.16
C GLY B 42 -18.01 3.94 -21.04
N THR B 43 -18.36 3.92 -22.33
CA THR B 43 -17.63 3.12 -23.30
C THR B 43 -16.30 3.80 -23.48
N VAL B 44 -15.29 3.10 -24.00
CA VAL B 44 -13.98 3.73 -24.19
C VAL B 44 -14.09 4.92 -25.17
N ILE B 45 -14.95 4.77 -26.18
CA ILE B 45 -15.24 5.86 -27.13
C ILE B 45 -15.64 7.13 -26.40
N LYS B 46 -16.57 7.00 -25.47
CA LYS B 46 -17.05 8.14 -24.70
C LYS B 46 -16.05 8.67 -23.72
N LEU B 47 -15.29 7.77 -23.08
CA LEU B 47 -14.24 8.23 -22.20
C LEU B 47 -13.24 9.06 -22.97
N ILE B 48 -12.92 8.62 -24.18
CA ILE B 48 -11.98 9.36 -24.98
C ILE B 48 -12.58 10.67 -25.50
N GLU B 49 -13.84 10.66 -25.92
CA GLU B 49 -14.54 11.92 -26.24
C GLU B 49 -14.34 12.93 -25.12
N ARG B 50 -14.61 12.51 -23.89
CA ARG B 50 -14.61 13.43 -22.75
C ARG B 50 -13.22 13.83 -22.29
N LEU B 51 -12.25 12.97 -22.57
CA LEU B 51 -10.84 13.25 -22.31
C LEU B 51 -10.35 14.38 -23.21
N THR B 52 -11.05 14.58 -24.32
CA THR B 52 -10.71 15.60 -25.27
C THR B 52 -11.96 16.36 -25.66
N TYR B 53 -12.72 16.83 -24.67
CA TYR B 53 -14.07 17.33 -24.91
C TYR B 53 -14.00 18.72 -25.46
N HIS B 54 -14.89 19.07 -26.39
CA HIS B 54 -14.80 20.37 -27.02
C HIS B 54 -15.29 21.52 -26.14
N MET B 55 -16.27 21.28 -25.26
CA MET B 55 -16.84 22.40 -24.46
C MET B 55 -15.85 23.01 -23.44
N TYR B 56 -14.98 22.20 -22.83
CA TYR B 56 -14.08 22.69 -21.76
C TYR B 56 -12.94 21.74 -21.53
N ALA B 57 -11.92 22.19 -20.81
CA ALA B 57 -10.77 21.34 -20.46
C ALA B 57 -11.07 20.67 -19.15
N ASP B 58 -10.47 19.51 -18.95
CA ASP B 58 -10.75 18.63 -17.81
C ASP B 58 -9.44 18.06 -17.25
N PRO B 59 -8.63 18.91 -16.61
CA PRO B 59 -7.32 18.42 -16.15
C PRO B 59 -7.47 17.23 -15.21
N ASN B 60 -8.42 17.30 -14.31
CA ASN B 60 -8.65 16.20 -13.40
C ASN B 60 -8.88 14.87 -14.05
N PHE B 61 -9.79 14.87 -15.00
CA PHE B 61 -10.08 13.67 -15.74
C PHE B 61 -8.87 13.18 -16.53
N VAL B 62 -8.08 14.11 -17.06
CA VAL B 62 -6.90 13.73 -17.86
C VAL B 62 -5.86 13.00 -16.99
N ARG B 63 -5.54 13.57 -15.84
CA ARG B 63 -4.60 12.94 -14.90
C ARG B 63 -5.12 11.57 -14.51
N THR B 64 -6.39 11.51 -14.15
CA THR B 64 -6.96 10.29 -13.61
C THR B 64 -6.93 9.22 -14.67
N PHE B 65 -7.35 9.60 -15.87
CA PHE B 65 -7.35 8.69 -17.00
C PHE B 65 -5.96 8.16 -17.32
N LEU B 66 -4.99 9.07 -17.40
CA LEU B 66 -3.65 8.67 -17.84
C LEU B 66 -2.95 7.83 -16.79
N THR B 67 -3.36 7.96 -15.55
CA THR B 67 -2.77 7.17 -14.48
C THR B 67 -3.34 5.75 -14.47
N THR B 68 -4.59 5.58 -14.88
CA THR B 68 -5.34 4.31 -14.67
C THR B 68 -5.83 3.54 -15.90
N TYR B 69 -5.64 4.09 -17.09
CA TYR B 69 -6.30 3.51 -18.28
C TYR B 69 -5.92 2.09 -18.67
N ARG B 70 -4.76 1.65 -18.22
CA ARG B 70 -4.17 0.44 -18.78
C ARG B 70 -4.91 -0.85 -18.41
N SER B 71 -5.66 -0.86 -17.30
CA SER B 71 -6.58 -1.98 -16.99
C SER B 71 -7.60 -2.26 -18.12
N PHE B 72 -8.06 -1.20 -18.79
CA PHE B 72 -9.12 -1.32 -19.79
C PHE B 72 -8.77 -0.97 -21.24
N CYS B 73 -7.57 -0.43 -21.47
CA CYS B 73 -7.18 0.00 -22.80
C CYS B 73 -5.67 -0.11 -22.94
N LYS B 74 -5.19 -0.81 -23.94
CA LYS B 74 -3.74 -0.89 -24.15
C LYS B 74 -3.17 0.44 -24.65
N PRO B 75 -1.94 0.76 -24.25
CA PRO B 75 -1.28 1.97 -24.77
C PRO B 75 -1.42 2.20 -26.27
N GLN B 76 -1.14 1.19 -27.09
CA GLN B 76 -1.27 1.29 -28.54
C GLN B 76 -2.71 1.63 -28.96
N GLU B 77 -3.67 1.04 -28.27
CA GLU B 77 -5.09 1.29 -28.53
C GLU B 77 -5.39 2.75 -28.23
N LEU B 78 -4.96 3.25 -27.07
CA LEU B 78 -5.22 4.62 -26.70
C LEU B 78 -4.70 5.58 -27.77
N LEU B 79 -3.47 5.36 -28.22
CA LEU B 79 -2.88 6.24 -29.20
C LEU B 79 -3.67 6.21 -30.48
N SER B 80 -4.08 5.01 -30.91
CA SER B 80 -4.92 4.89 -32.11
C SER B 80 -6.21 5.68 -31.97
N LEU B 81 -6.80 5.63 -30.79
CA LEU B 81 -8.04 6.35 -30.53
C LEU B 81 -7.87 7.84 -30.51
N ILE B 82 -6.79 8.36 -29.93
CA ILE B 82 -6.64 9.83 -29.94
C ILE B 82 -6.28 10.38 -31.33
N ILE B 83 -5.65 9.56 -32.16
CA ILE B 83 -5.36 9.94 -33.54
C ILE B 83 -6.66 9.99 -34.34
N GLU B 84 -7.48 8.96 -34.19
CA GLU B 84 -8.81 8.92 -34.78
C GLU B 84 -9.65 10.10 -34.31
N ARG B 85 -9.62 10.39 -33.00
CA ARG B 85 -10.32 11.55 -32.44
C ARG B 85 -9.86 12.85 -33.09
N PHE B 86 -8.55 12.97 -33.30
CA PHE B 86 -7.94 14.16 -33.88
C PHE B 86 -8.43 14.41 -35.29
N GLU B 87 -8.54 13.32 -36.06
CA GLU B 87 -8.71 13.37 -37.50
C GLU B 87 -10.20 13.54 -37.83
N ILE B 88 -10.67 14.77 -37.67
CA ILE B 88 -12.09 15.08 -37.75
C ILE B 88 -12.47 15.51 -39.15
N PRO B 89 -13.32 14.72 -39.83
CA PRO B 89 -13.89 15.19 -41.10
C PRO B 89 -14.99 16.23 -40.88
N GLU B 90 -15.33 16.95 -41.93
CA GLU B 90 -16.40 17.96 -41.85
C GLU B 90 -17.73 17.28 -42.22
N PRO B 91 -18.85 17.80 -41.71
CA PRO B 91 -20.10 17.23 -42.21
C PRO B 91 -20.32 17.67 -43.65
N GLU B 92 -21.20 16.99 -44.34
CA GLU B 92 -21.46 17.31 -45.75
C GLU B 92 -22.44 18.50 -45.81
N PRO B 93 -22.57 19.15 -46.98
CA PRO B 93 -23.58 20.21 -47.21
C PRO B 93 -24.99 19.80 -46.82
N SER B 109 -19.88 27.78 -45.91
CA SER B 109 -19.52 28.67 -44.83
C SER B 109 -20.61 28.67 -43.75
N ALA B 110 -20.44 29.61 -42.80
CA ALA B 110 -21.37 29.92 -41.69
C ALA B 110 -21.25 28.93 -40.53
N GLU B 111 -22.00 27.85 -40.58
CA GLU B 111 -21.86 26.78 -39.59
C GLU B 111 -20.47 26.13 -39.69
N LEU B 112 -19.93 26.11 -40.90
CA LEU B 112 -18.61 25.56 -41.17
C LEU B 112 -17.55 26.27 -40.34
N LYS B 113 -17.43 27.58 -40.52
CA LYS B 113 -16.44 28.35 -39.75
C LYS B 113 -16.63 28.11 -38.26
N ARG B 114 -17.88 28.07 -37.82
CA ARG B 114 -18.23 27.80 -36.44
C ARG B 114 -17.70 26.42 -36.05
N PHE B 115 -17.97 25.44 -36.91
CA PHE B 115 -17.56 24.06 -36.65
C PHE B 115 -16.04 23.89 -36.54
N ARG B 116 -15.26 24.62 -37.34
CA ARG B 116 -13.80 24.53 -37.25
C ARG B 116 -13.30 25.21 -35.98
N LYS B 117 -13.88 26.35 -35.64
CA LYS B 117 -13.39 27.17 -34.52
C LYS B 117 -13.78 26.59 -33.17
N GLU B 118 -14.98 26.00 -33.11
CA GLU B 118 -15.57 25.53 -31.84
C GLU B 118 -15.69 24.02 -31.64
N TYR B 119 -15.50 23.22 -32.69
CA TYR B 119 -15.39 21.78 -32.52
C TYR B 119 -13.98 21.30 -32.87
N ILE B 120 -13.50 21.57 -34.09
CA ILE B 120 -12.26 20.96 -34.53
C ILE B 120 -11.05 21.50 -33.78
N GLN B 121 -10.94 22.82 -33.70
CA GLN B 121 -9.77 23.40 -33.08
C GLN B 121 -9.64 23.00 -31.59
N PRO B 122 -10.71 23.17 -30.79
CA PRO B 122 -10.59 22.80 -29.39
C PRO B 122 -10.24 21.32 -29.18
N VAL B 123 -10.87 20.42 -29.92
CA VAL B 123 -10.62 19.01 -29.79
C VAL B 123 -9.18 18.71 -30.15
N GLN B 124 -8.71 19.31 -31.23
CA GLN B 124 -7.34 19.04 -31.65
C GLN B 124 -6.40 19.51 -30.57
N LEU B 125 -6.61 20.71 -30.06
CA LEU B 125 -5.81 21.16 -28.91
C LEU B 125 -5.85 20.20 -27.75
N ARG B 126 -7.00 19.64 -27.45
CA ARG B 126 -7.11 18.77 -26.29
C ARG B 126 -6.37 17.48 -26.51
N VAL B 127 -6.41 16.96 -27.73
CA VAL B 127 -5.64 15.78 -28.03
C VAL B 127 -4.17 16.07 -27.81
N LEU B 128 -3.72 17.25 -28.23
CA LEU B 128 -2.31 17.60 -28.07
C LEU B 128 -1.91 17.69 -26.59
N ASN B 129 -2.85 18.18 -25.78
CA ASN B 129 -2.69 18.29 -24.35
C ASN B 129 -2.55 16.92 -23.69
N VAL B 130 -3.34 15.97 -24.18
CA VAL B 130 -3.23 14.59 -23.72
C VAL B 130 -1.86 14.02 -24.04
N CYS B 131 -1.41 14.20 -25.27
CA CYS B 131 -0.08 13.71 -25.69
C CYS B 131 1.02 14.30 -24.79
N ARG B 132 0.94 15.61 -24.55
CA ARG B 132 1.89 16.30 -23.70
C ARG B 132 1.93 15.71 -22.28
N HIS B 133 0.77 15.52 -21.66
CA HIS B 133 0.71 14.96 -20.29
C HIS B 133 1.23 13.53 -20.28
N TRP B 134 0.94 12.78 -21.35
CA TRP B 134 1.23 11.36 -21.42
C TRP B 134 2.74 11.17 -21.39
N VAL B 135 3.35 11.89 -22.29
CA VAL B 135 4.79 11.94 -22.47
C VAL B 135 5.52 12.57 -21.26
N GLU B 136 4.92 13.58 -20.64
CA GLU B 136 5.55 14.24 -19.51
C GLU B 136 5.46 13.39 -18.25
N HIS B 137 4.30 12.83 -17.96
CA HIS B 137 4.09 12.17 -16.66
C HIS B 137 4.04 10.65 -16.69
N HIS B 138 3.90 10.05 -17.86
CA HIS B 138 3.80 8.60 -17.98
C HIS B 138 4.69 8.12 -19.09
N PHE B 139 5.90 8.63 -19.12
CA PHE B 139 6.81 8.29 -20.20
C PHE B 139 7.18 6.81 -20.23
N TYR B 140 7.01 6.10 -19.10
CA TYR B 140 7.26 4.67 -19.02
C TYR B 140 6.53 3.83 -20.09
N ASP B 141 5.35 4.26 -20.54
CA ASP B 141 4.71 3.55 -21.63
C ASP B 141 5.62 3.50 -22.86
N PHE B 142 6.33 4.59 -23.10
CA PHE B 142 7.18 4.70 -24.26
C PHE B 142 8.55 4.02 -24.11
N GLU B 143 9.14 4.04 -22.90
CA GLU B 143 10.40 3.33 -22.60
C GLU B 143 10.22 1.82 -22.82
N ARG B 144 9.01 1.34 -22.55
CA ARG B 144 8.68 -0.09 -22.59
C ARG B 144 8.26 -0.59 -23.94
N ASP B 145 7.89 0.34 -24.83
CA ASP B 145 7.38 -0.01 -26.16
C ASP B 145 7.86 1.07 -27.13
N ALA B 146 9.03 0.85 -27.70
CA ALA B 146 9.62 1.80 -28.65
C ALA B 146 8.76 2.09 -29.89
N TYR B 147 7.94 1.11 -30.30
CA TYR B 147 7.08 1.32 -31.46
C TYR B 147 6.01 2.35 -31.08
N LEU B 148 5.56 2.35 -29.83
CA LEU B 148 4.59 3.33 -29.40
C LEU B 148 5.16 4.72 -29.54
N LEU B 149 6.43 4.84 -29.21
CA LEU B 149 7.08 6.10 -29.32
C LEU B 149 7.27 6.45 -30.79
N GLN B 150 7.45 5.44 -31.64
CA GLN B 150 7.60 5.66 -33.06
C GLN B 150 6.36 6.33 -33.58
N ARG B 151 5.22 5.73 -33.28
CA ARG B 151 3.94 6.23 -33.74
C ARG B 151 3.66 7.62 -33.20
N MET B 152 3.99 7.88 -31.94
CA MET B 152 3.73 9.21 -31.38
C MET B 152 4.57 10.25 -32.12
N GLU B 153 5.83 9.94 -32.42
CA GLU B 153 6.68 10.91 -33.11
C GLU B 153 6.18 11.19 -34.52
N GLU B 154 5.77 10.16 -35.24
CA GLU B 154 5.25 10.43 -36.59
C GLU B 154 3.91 11.15 -36.57
N PHE B 155 3.04 10.86 -35.60
CA PHE B 155 1.75 11.58 -35.51
C PHE B 155 2.03 13.06 -35.32
N ILE B 156 2.86 13.34 -34.32
CA ILE B 156 3.20 14.70 -33.96
C ILE B 156 3.78 15.45 -35.14
N GLY B 157 4.66 14.80 -35.91
CA GLY B 157 5.24 15.40 -37.11
C GLY B 157 4.26 15.67 -38.24
N THR B 158 3.11 15.01 -38.15
CA THR B 158 2.00 15.14 -39.08
C THR B 158 1.19 16.42 -38.88
N VAL B 159 1.20 16.96 -37.67
CA VAL B 159 0.20 17.92 -37.24
C VAL B 159 0.40 19.28 -37.87
N ARG B 160 -0.70 19.86 -38.34
CA ARG B 160 -0.61 20.90 -39.36
C ARG B 160 -0.57 22.36 -38.87
N GLY B 161 -1.60 22.81 -38.14
CA GLY B 161 -1.86 24.26 -37.96
C GLY B 161 -0.84 25.16 -37.25
N LYS B 162 -1.00 26.47 -37.43
CA LYS B 162 -0.21 27.46 -36.67
C LYS B 162 -0.72 27.61 -35.23
N ALA B 163 -2.02 27.42 -35.03
CA ALA B 163 -2.58 27.22 -33.70
C ALA B 163 -1.80 26.13 -32.91
N MET B 164 -1.37 25.10 -33.63
CA MET B 164 -0.80 23.89 -33.03
C MET B 164 0.73 23.96 -32.85
N LYS B 165 1.41 24.78 -33.64
CA LYS B 165 2.88 24.79 -33.67
C LYS B 165 3.49 24.75 -32.25
N LYS B 166 3.15 25.73 -31.43
CA LYS B 166 3.65 25.83 -30.04
C LYS B 166 3.58 24.53 -29.23
N TRP B 167 2.42 23.88 -29.27
CA TRP B 167 2.17 22.68 -28.43
C TRP B 167 2.99 21.52 -28.98
N VAL B 168 3.07 21.45 -30.31
CA VAL B 168 3.84 20.44 -31.00
C VAL B 168 5.31 20.58 -30.68
N GLU B 169 5.85 21.78 -30.82
CA GLU B 169 7.24 22.04 -30.45
C GLU B 169 7.49 21.66 -28.98
N SER B 170 6.57 22.02 -28.10
CA SER B 170 6.71 21.70 -26.68
C SER B 170 6.74 20.18 -26.41
N ILE B 171 5.90 19.44 -27.12
CA ILE B 171 5.85 17.99 -26.96
C ILE B 171 7.16 17.34 -27.39
N THR B 172 7.64 17.77 -28.54
CA THR B 172 8.92 17.33 -29.10
C THR B 172 10.09 17.59 -28.15
N LYS B 173 10.13 18.78 -27.54
CA LYS B 173 11.17 19.10 -26.55
C LYS B 173 11.12 18.16 -25.37
N ILE B 174 9.90 17.82 -24.94
CA ILE B 174 9.74 16.94 -23.80
C ILE B 174 10.27 15.54 -24.11
N ILE B 175 9.93 15.05 -25.30
CA ILE B 175 10.38 13.75 -25.74
C ILE B 175 11.89 13.65 -25.70
N GLN B 176 12.56 14.70 -26.19
CA GLN B 176 14.02 14.75 -26.15
C GLN B 176 14.61 14.78 -24.76
N ARG B 177 14.06 15.61 -23.89
CA ARG B 177 14.48 15.64 -22.50
C ARG B 177 14.38 14.23 -21.92
N LYS B 178 13.27 13.56 -22.22
CA LYS B 178 12.95 12.24 -21.65
C LYS B 178 13.83 11.09 -22.17
N LYS B 179 14.21 11.11 -23.45
CA LYS B 179 15.22 10.16 -23.94
C LYS B 179 16.61 10.26 -23.25
N ILE B 180 16.87 11.32 -22.50
CA ILE B 180 18.19 11.54 -21.89
C ILE B 180 18.40 10.80 -20.57
N ALA B 181 19.64 10.31 -20.37
CA ALA B 181 20.00 9.48 -19.20
C ALA B 181 20.12 10.30 -17.93
N ILE B 190 21.87 17.71 -2.43
CA ILE B 190 20.64 18.38 -2.87
C ILE B 190 20.59 19.87 -2.45
N THR B 191 21.35 20.25 -1.40
CA THR B 191 21.45 21.63 -0.83
C THR B 191 20.10 22.31 -0.43
N PHE B 192 20.15 23.15 0.61
CA PHE B 192 18.99 23.43 1.48
C PHE B 192 18.52 24.89 1.49
N GLN B 193 17.35 25.16 2.06
CA GLN B 193 16.81 26.53 2.13
C GLN B 193 17.70 27.42 3.00
N SER B 194 18.04 26.91 4.17
CA SER B 194 19.06 27.52 5.04
C SER B 194 19.72 26.35 5.76
N SER B 195 20.55 26.59 6.77
CA SER B 195 21.42 25.53 7.29
C SER B 195 20.71 24.37 8.02
N PRO B 196 21.05 23.14 7.63
CA PRO B 196 20.60 21.97 8.37
C PRO B 196 21.32 21.88 9.71
N PRO B 197 20.73 21.18 10.67
CA PRO B 197 21.42 21.06 11.95
C PRO B 197 22.77 20.29 11.90
N THR B 198 23.59 20.57 12.89
CA THR B 198 24.84 19.90 13.04
C THR B 198 24.63 18.41 13.26
N VAL B 199 25.45 17.62 12.56
CA VAL B 199 25.46 16.17 12.69
C VAL B 199 25.94 15.80 14.10
N GLU B 200 25.27 14.85 14.73
CA GLU B 200 25.54 14.44 16.11
C GLU B 200 26.31 13.12 16.20
N TRP B 201 27.29 13.10 17.12
CA TRP B 201 28.20 11.98 17.38
C TRP B 201 28.19 11.67 18.87
N HIS B 202 28.21 10.39 19.20
CA HIS B 202 28.21 9.93 20.57
C HIS B 202 29.56 9.26 20.83
N ILE B 203 29.62 7.94 20.81
CA ILE B 203 30.83 7.26 21.16
C ILE B 203 31.68 7.03 19.93
N SER B 204 31.08 6.51 18.86
CA SER B 204 31.82 6.34 17.62
C SER B 204 32.21 7.71 17.08
N ARG B 205 33.46 7.82 16.63
CA ARG B 205 33.95 9.07 16.08
C ARG B 205 33.76 9.08 14.57
N PRO B 206 33.70 10.26 13.93
CA PRO B 206 33.63 10.29 12.46
C PRO B 206 34.76 9.51 11.82
N GLY B 207 34.45 8.79 10.75
CA GLY B 207 35.40 7.95 10.04
C GLY B 207 35.43 6.51 10.50
N HIS B 208 35.13 6.26 11.78
CA HIS B 208 35.36 4.96 12.41
C HIS B 208 34.16 4.02 12.20
N ILE B 209 33.85 3.73 10.92
CA ILE B 209 32.70 2.91 10.56
C ILE B 209 32.71 1.53 11.27
N GLU B 210 33.89 1.01 11.61
CA GLU B 210 34.02 -0.26 12.33
C GLU B 210 33.37 -0.30 13.74
N THR B 211 33.26 0.85 14.40
CA THR B 211 32.67 0.97 15.75
C THR B 211 31.16 1.15 15.73
N PHE B 212 30.59 1.54 14.59
CA PHE B 212 29.18 1.91 14.52
C PHE B 212 28.30 0.77 14.98
N ASP B 213 27.38 1.05 15.89
CA ASP B 213 26.38 0.08 16.34
C ASP B 213 25.22 0.89 16.95
N LEU B 214 24.17 0.20 17.38
CA LEU B 214 22.99 0.85 17.91
C LEU B 214 23.29 1.82 19.03
N LEU B 215 24.16 1.42 19.96
CA LEU B 215 24.45 2.22 21.14
C LEU B 215 25.60 3.18 20.98
N THR B 216 26.40 3.03 19.93
CA THR B 216 27.60 3.87 19.78
C THR B 216 27.39 5.08 18.86
N LEU B 217 26.44 4.99 17.94
CA LEU B 217 26.02 6.17 17.20
C LEU B 217 25.08 6.98 18.07
N HIS B 218 24.94 8.25 17.73
CA HIS B 218 24.09 9.12 18.48
C HIS B 218 22.66 8.80 18.08
N PRO B 219 21.80 8.52 19.05
CA PRO B 219 20.41 8.20 18.68
C PRO B 219 19.72 9.25 17.79
N ILE B 220 19.95 10.54 18.03
CA ILE B 220 19.40 11.59 17.17
C ILE B 220 19.78 11.31 15.72
N GLU B 221 21.06 11.00 15.50
CA GLU B 221 21.60 10.89 14.17
C GLU B 221 21.20 9.59 13.51
N ILE B 222 21.07 8.54 14.30
CA ILE B 222 20.50 7.33 13.79
C ILE B 222 19.15 7.68 13.16
N ALA B 223 18.31 8.38 13.91
CA ALA B 223 16.97 8.64 13.45
C ALA B 223 16.99 9.57 12.26
N ARG B 224 17.88 10.57 12.28
CA ARG B 224 17.99 11.45 11.12
C ARG B 224 18.40 10.70 9.86
N GLN B 225 19.37 9.78 9.96
CA GLN B 225 19.91 9.18 8.75
C GLN B 225 18.98 8.11 8.23
N LEU B 226 18.31 7.39 9.12
CA LEU B 226 17.24 6.48 8.69
C LEU B 226 16.09 7.22 8.03
N THR B 227 15.75 8.39 8.55
CA THR B 227 14.68 9.20 7.97
C THR B 227 15.06 9.64 6.57
N LEU B 228 16.30 10.05 6.36
CA LEU B 228 16.75 10.39 5.02
C LEU B 228 16.67 9.22 4.04
N LEU B 229 17.16 8.07 4.45
CA LEU B 229 17.04 6.86 3.63
C LEU B 229 15.61 6.55 3.29
N GLU B 230 14.77 6.58 4.30
CA GLU B 230 13.39 6.13 4.19
C GLU B 230 12.57 7.15 3.40
N SER B 231 12.95 8.41 3.49
CA SER B 231 12.30 9.46 2.70
C SER B 231 12.60 9.22 1.23
N ASP B 232 13.88 9.05 0.90
CA ASP B 232 14.25 8.78 -0.49
C ASP B 232 13.55 7.53 -1.01
N LEU B 233 13.46 6.51 -0.17
CA LEU B 233 12.77 5.29 -0.56
C LEU B 233 11.29 5.58 -0.86
N TYR B 234 10.63 6.32 0.04
CA TYR B 234 9.20 6.63 -0.11
C TYR B 234 9.01 7.40 -1.42
N ARG B 235 9.94 8.31 -1.70
CA ARG B 235 9.80 9.21 -2.84
C ARG B 235 10.03 8.56 -4.20
N ALA B 236 10.67 7.40 -4.26
CA ALA B 236 11.01 6.82 -5.53
C ALA B 236 9.85 6.00 -6.07
N VAL B 237 8.85 5.72 -5.26
CA VAL B 237 7.77 4.85 -5.68
C VAL B 237 6.84 5.59 -6.62
N GLN B 238 6.58 5.04 -7.79
CA GLN B 238 5.69 5.66 -8.78
C GLN B 238 4.33 4.98 -8.86
N PRO B 239 3.31 5.70 -9.33
CA PRO B 239 2.00 5.08 -9.53
C PRO B 239 2.02 3.83 -10.41
N SER B 240 2.88 3.79 -11.41
CA SER B 240 3.04 2.59 -12.23
C SER B 240 3.36 1.32 -11.44
N GLU B 241 3.85 1.47 -10.22
CA GLU B 241 4.18 0.32 -9.39
C GLU B 241 2.98 -0.12 -8.54
N LEU B 242 1.90 0.67 -8.57
CA LEU B 242 0.76 0.49 -7.67
C LEU B 242 -0.55 0.20 -8.39
N VAL B 243 -0.84 0.95 -9.45
CA VAL B 243 -2.09 0.80 -10.14
C VAL B 243 -2.15 -0.61 -10.69
N GLY B 244 -3.31 -1.24 -10.57
CA GLY B 244 -3.49 -2.64 -10.97
C GLY B 244 -3.00 -3.66 -9.96
N SER B 245 -2.57 -3.20 -8.77
CA SER B 245 -2.17 -4.07 -7.69
C SER B 245 -0.97 -4.94 -8.06
N VAL B 246 -0.11 -4.38 -8.90
CA VAL B 246 0.93 -5.16 -9.53
C VAL B 246 1.99 -5.65 -8.55
N TRP B 247 2.09 -5.05 -7.37
CA TRP B 247 3.08 -5.47 -6.40
C TRP B 247 2.71 -6.82 -5.74
N THR B 248 1.49 -7.31 -5.98
CA THR B 248 1.03 -8.57 -5.42
C THR B 248 1.05 -9.67 -6.44
N LYS B 249 1.38 -9.35 -7.69
CA LYS B 249 1.33 -10.32 -8.79
C LYS B 249 2.70 -10.96 -9.04
N GLU B 250 2.72 -11.96 -9.92
CA GLU B 250 3.94 -12.75 -10.14
C GLU B 250 5.13 -11.93 -10.68
N ASP B 251 4.84 -10.84 -11.38
CA ASP B 251 5.88 -9.97 -11.92
C ASP B 251 6.20 -8.79 -10.99
N LYS B 252 5.83 -8.90 -9.73
CA LYS B 252 6.08 -7.82 -8.81
C LYS B 252 7.50 -7.26 -8.83
N GLU B 253 8.52 -8.10 -8.99
CA GLU B 253 9.91 -7.60 -8.96
C GLU B 253 10.26 -6.79 -10.21
N ILE B 254 9.59 -7.11 -11.30
CA ILE B 254 9.71 -6.36 -12.51
C ILE B 254 8.94 -5.06 -12.40
N ASN B 255 7.71 -5.11 -11.88
CA ASN B 255 6.85 -3.91 -11.96
C ASN B 255 6.88 -2.97 -10.78
N SER B 256 7.26 -3.45 -9.61
CA SER B 256 7.25 -2.64 -8.41
C SER B 256 8.62 -2.65 -7.66
N PRO B 257 9.72 -2.49 -8.40
CA PRO B 257 11.03 -2.64 -7.74
C PRO B 257 11.32 -1.65 -6.60
N ASN B 258 10.93 -0.38 -6.76
CA ASN B 258 11.17 0.64 -5.74
C ASN B 258 10.31 0.45 -4.50
N LEU B 259 9.04 0.10 -4.70
CA LEU B 259 8.15 -0.23 -3.59
C LEU B 259 8.71 -1.36 -2.75
N LEU B 260 9.12 -2.42 -3.43
CA LEU B 260 9.69 -3.58 -2.78
C LEU B 260 11.00 -3.28 -2.04
N LYS B 261 11.86 -2.44 -2.60
CA LYS B 261 13.06 -2.05 -1.85
C LYS B 261 12.69 -1.29 -0.61
N MET B 262 11.67 -0.43 -0.72
CA MET B 262 11.24 0.35 0.41
C MET B 262 10.75 -0.57 1.54
N ILE B 263 9.90 -1.52 1.19
CA ILE B 263 9.34 -2.41 2.18
C ILE B 263 10.43 -3.30 2.80
N ARG B 264 11.35 -3.75 1.99
CA ARG B 264 12.43 -4.60 2.49
C ARG B 264 13.33 -3.91 3.47
N HIS B 265 13.57 -2.62 3.24
CA HIS B 265 14.33 -1.83 4.15
C HIS B 265 13.62 -1.76 5.47
N THR B 266 12.32 -1.48 5.44
CA THR B 266 11.55 -1.38 6.65
C THR B 266 11.60 -2.66 7.49
N THR B 267 11.39 -3.78 6.81
CA THR B 267 11.42 -5.08 7.39
C THR B 267 12.80 -5.38 7.97
N ASN B 268 13.82 -5.03 7.22
CA ASN B 268 15.16 -5.19 7.67
C ASN B 268 15.45 -4.46 8.96
N LEU B 269 14.94 -3.23 9.07
CA LEU B 269 15.18 -2.44 10.26
C LEU B 269 14.44 -2.98 11.46
N THR B 270 13.20 -3.42 11.26
CA THR B 270 12.42 -4.00 12.32
C THR B 270 13.16 -5.20 12.84
N LEU B 271 13.64 -6.03 11.92
CA LEU B 271 14.37 -7.21 12.33
C LEU B 271 15.67 -6.89 13.04
N TRP B 272 16.35 -5.85 12.59
CA TRP B 272 17.58 -5.44 13.25
C TRP B 272 17.33 -4.99 14.69
N PHE B 273 16.26 -4.24 14.91
CA PHE B 273 15.86 -3.87 16.26
C PHE B 273 15.59 -5.10 17.13
N GLU B 274 14.89 -6.09 16.59
CA GLU B 274 14.55 -7.28 17.37
C GLU B 274 15.84 -7.98 17.78
N LYS B 275 16.76 -8.02 16.85
CA LYS B 275 17.96 -8.77 16.99
C LYS B 275 18.87 -8.16 18.05
N CYS B 276 19.05 -6.84 17.95
CA CYS B 276 19.76 -6.04 18.92
C CYS B 276 19.25 -6.31 20.33
N ILE B 277 17.93 -6.42 20.43
CA ILE B 277 17.29 -6.67 21.70
C ILE B 277 17.59 -8.07 22.24
N VAL B 278 17.16 -9.09 21.51
CA VAL B 278 17.27 -10.44 22.03
C VAL B 278 18.68 -10.98 22.11
N GLU B 279 19.64 -10.44 21.35
CA GLU B 279 21.04 -10.87 21.48
C GLU B 279 21.80 -10.16 22.59
N THR B 280 21.19 -9.16 23.20
CA THR B 280 21.77 -8.54 24.37
C THR B 280 21.25 -9.32 25.58
N GLU B 281 22.03 -10.27 26.06
CA GLU B 281 21.52 -11.26 27.03
C GLU B 281 21.46 -10.73 28.47
N ASN B 282 22.37 -9.82 28.80
CA ASN B 282 22.36 -9.21 30.13
C ASN B 282 21.16 -8.26 30.27
N LEU B 283 20.39 -8.42 31.34
CA LEU B 283 19.14 -7.67 31.52
C LEU B 283 19.36 -6.18 31.47
N GLU B 284 20.30 -5.69 32.28
CA GLU B 284 20.62 -4.25 32.32
C GLU B 284 21.04 -3.68 30.96
N GLU B 285 21.82 -4.42 30.19
CA GLU B 285 22.25 -3.94 28.90
C GLU B 285 21.06 -3.91 27.94
N ARG B 286 20.17 -4.89 28.10
CA ARG B 286 19.03 -5.04 27.22
C ARG B 286 18.03 -3.92 27.46
N VAL B 287 17.91 -3.52 28.72
CA VAL B 287 17.12 -2.36 29.07
C VAL B 287 17.71 -1.10 28.44
N ALA B 288 19.01 -0.93 28.50
CA ALA B 288 19.62 0.19 27.77
C ALA B 288 19.33 0.16 26.27
N VAL B 289 19.39 -1.03 25.67
CA VAL B 289 19.13 -1.18 24.25
C VAL B 289 17.68 -0.77 23.89
N VAL B 290 16.71 -1.30 24.63
CA VAL B 290 15.31 -1.05 24.36
C VAL B 290 15.04 0.44 24.56
N SER B 291 15.63 0.97 25.62
CA SER B 291 15.45 2.35 25.97
CA SER B 291 15.42 2.36 25.98
C SER B 291 16.01 3.23 24.84
N ARG B 292 17.17 2.86 24.30
CA ARG B 292 17.73 3.60 23.19
C ARG B 292 16.84 3.57 21.92
N ILE B 293 16.20 2.44 21.69
CA ILE B 293 15.30 2.30 20.54
C ILE B 293 14.09 3.21 20.70
N ILE B 294 13.60 3.31 21.93
CA ILE B 294 12.49 4.18 22.20
C ILE B 294 12.92 5.62 21.97
N GLU B 295 14.18 5.94 22.28
CA GLU B 295 14.67 7.29 22.01
C GLU B 295 14.72 7.60 20.51
N ILE B 296 15.14 6.62 19.72
CA ILE B 296 15.15 6.77 18.29
C ILE B 296 13.70 6.98 17.80
N LEU B 297 12.76 6.22 18.37
CA LEU B 297 11.35 6.36 18.01
C LEU B 297 10.87 7.79 18.29
N GLN B 298 11.23 8.31 19.44
CA GLN B 298 10.91 9.69 19.81
C GLN B 298 11.37 10.71 18.78
N VAL B 299 12.59 10.53 18.25
CA VAL B 299 13.08 11.40 17.21
C VAL B 299 12.35 11.18 15.87
N PHE B 300 12.03 9.94 15.51
CA PHE B 300 11.25 9.70 14.31
C PHE B 300 9.96 10.49 14.36
N GLN B 301 9.38 10.49 15.54
CA GLN B 301 8.13 11.13 15.82
C GLN B 301 8.26 12.65 15.63
N GLU B 302 9.34 13.24 16.14
CA GLU B 302 9.61 14.67 15.94
C GLU B 302 9.78 15.01 14.45
N LEU B 303 10.29 14.05 13.69
CA LEU B 303 10.55 14.22 12.27
C LEU B 303 9.37 13.85 11.38
N ASN B 304 8.26 13.44 11.98
CA ASN B 304 7.14 12.86 11.25
C ASN B 304 7.59 11.76 10.30
N ASN B 305 8.52 10.92 10.72
CA ASN B 305 8.80 9.68 10.00
C ASN B 305 7.96 8.53 10.56
N PHE B 306 6.78 8.38 9.99
CA PHE B 306 5.85 7.41 10.52
C PHE B 306 6.26 6.03 10.12
N ASN B 307 6.99 5.91 9.02
CA ASN B 307 7.51 4.61 8.66
C ASN B 307 8.52 4.16 9.74
N GLY B 308 9.32 5.08 10.23
CA GLY B 308 10.31 4.82 11.27
C GLY B 308 9.57 4.46 12.54
N VAL B 309 8.58 5.25 12.88
CA VAL B 309 7.78 4.96 14.06
C VAL B 309 7.29 3.52 14.05
N LEU B 310 6.65 3.11 12.96
CA LEU B 310 6.07 1.78 12.91
C LEU B 310 7.10 0.67 12.80
N GLU B 311 8.27 0.94 12.25
CA GLU B 311 9.27 -0.10 12.26
C GLU B 311 9.73 -0.42 13.72
N VAL B 312 9.63 0.56 14.63
CA VAL B 312 9.92 0.31 16.04
C VAL B 312 8.75 -0.38 16.69
N VAL B 313 7.55 0.09 16.41
CA VAL B 313 6.39 -0.48 17.03
C VAL B 313 6.28 -1.98 16.67
N SER B 314 6.48 -2.30 15.40
CA SER B 314 6.45 -3.68 14.91
C SER B 314 7.45 -4.58 15.67
N ALA B 315 8.66 -4.08 15.84
CA ALA B 315 9.69 -4.80 16.59
C ALA B 315 9.24 -5.04 18.01
N MET B 316 8.71 -4.01 18.64
CA MET B 316 8.30 -4.13 20.04
C MET B 316 7.11 -5.04 20.20
N ASN B 317 6.32 -5.19 19.14
CA ASN B 317 5.15 -6.09 19.14
C ASN B 317 5.45 -7.50 18.67
N SER B 318 6.66 -7.70 18.16
CA SER B 318 7.11 -9.00 17.69
C SER B 318 7.06 -10.02 18.82
N SER B 319 6.76 -11.27 18.47
CA SER B 319 6.65 -12.28 19.53
C SER B 319 7.95 -12.49 20.34
N PRO B 320 9.15 -12.30 19.75
CA PRO B 320 10.32 -12.45 20.60
C PRO B 320 10.54 -11.33 21.58
N VAL B 321 10.09 -10.12 21.26
CA VAL B 321 10.32 -8.94 22.09
C VAL B 321 9.19 -8.69 23.08
N TYR B 322 7.95 -8.77 22.60
CA TYR B 322 6.73 -8.47 23.38
C TYR B 322 6.65 -9.22 24.69
N ARG B 323 7.16 -10.46 24.71
CA ARG B 323 7.12 -11.29 25.91
C ARG B 323 8.17 -10.97 26.98
N LEU B 324 9.04 -9.98 26.73
CA LEU B 324 10.14 -9.73 27.65
C LEU B 324 9.72 -8.82 28.79
N ASP B 325 8.85 -9.34 29.66
CA ASP B 325 8.29 -8.60 30.79
C ASP B 325 9.32 -8.09 31.78
N HIS B 326 10.42 -8.82 32.00
CA HIS B 326 11.45 -8.33 32.94
C HIS B 326 12.15 -7.10 32.35
N THR B 327 12.23 -7.01 31.04
CA THR B 327 12.88 -5.88 30.43
C THR B 327 11.94 -4.68 30.45
N PHE B 328 10.70 -4.90 30.04
CA PHE B 328 9.71 -3.85 30.00
C PHE B 328 9.53 -3.18 31.35
N GLU B 329 9.51 -3.99 32.40
CA GLU B 329 9.38 -3.52 33.78
C GLU B 329 10.42 -2.45 34.18
N GLN B 330 11.64 -2.51 33.64
N GLN B 330 11.62 -2.51 33.64
CA GLN B 330 12.72 -1.58 34.03
CA GLN B 330 12.70 -1.59 34.03
C GLN B 330 12.83 -0.34 33.13
C GLN B 330 12.92 -0.44 33.05
N ILE B 331 11.98 -0.24 32.12
CA ILE B 331 12.03 0.88 31.23
C ILE B 331 11.47 2.07 32.00
N PRO B 332 12.22 3.18 32.06
CA PRO B 332 11.70 4.36 32.77
C PRO B 332 10.30 4.72 32.28
N SER B 333 9.42 5.13 33.18
CA SER B 333 8.01 5.28 32.81
C SER B 333 7.74 6.28 31.69
N ARG B 334 8.60 7.26 31.55
CA ARG B 334 8.42 8.25 30.50
C ARG B 334 8.50 7.54 29.16
N GLN B 335 9.43 6.63 29.04
CA GLN B 335 9.65 6.00 27.77
C GLN B 335 8.67 4.88 27.53
N LYS B 336 8.17 4.27 28.61
CA LYS B 336 7.02 3.38 28.49
C LYS B 336 5.89 4.15 27.83
N LYS B 337 5.59 5.32 28.38
CA LYS B 337 4.50 6.14 27.85
C LYS B 337 4.72 6.52 26.40
N ILE B 338 5.96 6.84 26.03
CA ILE B 338 6.25 7.15 24.63
C ILE B 338 5.92 5.96 23.72
N LEU B 339 6.38 4.78 24.13
CA LEU B 339 6.17 3.58 23.34
C LEU B 339 4.70 3.25 23.28
N GLU B 340 4.02 3.36 24.41
CA GLU B 340 2.59 3.01 24.48
C GLU B 340 1.74 3.92 23.57
N GLU B 341 2.07 5.21 23.57
CA GLU B 341 1.38 6.19 22.70
C GLU B 341 1.59 5.84 21.22
N ALA B 342 2.79 5.40 20.88
CA ALA B 342 3.09 5.06 19.51
C ALA B 342 2.36 3.79 19.09
N HIS B 343 2.31 2.81 19.97
CA HIS B 343 1.55 1.61 19.68
C HIS B 343 0.09 1.96 19.39
N GLU B 344 -0.44 2.90 20.15
CA GLU B 344 -1.81 3.27 20.03
C GLU B 344 -2.18 3.85 18.68
N LEU B 345 -1.19 4.38 17.96
CA LEU B 345 -1.39 4.86 16.60
C LEU B 345 -1.91 3.79 15.69
N SER B 346 -1.49 2.54 15.93
CA SER B 346 -1.86 1.40 15.08
C SER B 346 -3.23 0.79 15.41
N GLU B 347 -3.71 1.05 16.62
CA GLU B 347 -4.96 0.46 17.10
C GLU B 347 -6.18 0.93 16.32
N ASP B 348 -7.21 0.11 16.40
CA ASP B 348 -8.48 0.38 15.78
C ASP B 348 -8.25 0.75 14.33
N HIS B 349 -7.54 -0.13 13.61
CA HIS B 349 -7.27 0.04 12.20
C HIS B 349 -6.59 1.37 11.88
N TYR B 350 -5.58 1.76 12.66
CA TYR B 350 -4.81 2.98 12.41
C TYR B 350 -5.59 4.30 12.53
N LYS B 351 -6.64 4.29 13.34
CA LYS B 351 -7.46 5.49 13.57
C LYS B 351 -6.62 6.72 13.94
N LYS B 352 -5.78 6.59 14.96
CA LYS B 352 -4.99 7.75 15.39
C LYS B 352 -3.85 8.08 14.43
N TYR B 353 -3.27 7.07 13.79
CA TYR B 353 -2.24 7.33 12.81
C TYR B 353 -2.82 8.19 11.69
N LEU B 354 -3.98 7.80 11.20
CA LEU B 354 -4.62 8.51 10.09
C LEU B 354 -4.91 9.97 10.41
N ALA B 355 -5.52 10.22 11.56
CA ALA B 355 -5.79 11.59 12.02
C ALA B 355 -4.49 12.40 12.18
N LYS B 356 -3.48 11.79 12.77
CA LYS B 356 -2.23 12.50 12.96
C LYS B 356 -1.63 12.89 11.60
N LEU B 357 -1.63 11.94 10.66
CA LEU B 357 -1.10 12.19 9.33
C LEU B 357 -1.83 13.35 8.63
N ARG B 358 -3.16 13.38 8.64
CA ARG B 358 -3.93 14.47 7.97
C ARG B 358 -3.59 15.87 8.51
N SER B 359 -3.08 15.90 9.74
CA SER B 359 -2.92 17.10 10.51
C SER B 359 -1.53 17.63 10.48
N ILE B 360 -0.58 16.88 9.94
CA ILE B 360 0.78 17.42 9.86
C ILE B 360 1.07 17.88 8.42
N ASN B 361 2.16 18.61 8.29
CA ASN B 361 2.56 19.19 7.03
C ASN B 361 3.92 18.58 6.66
N PRO B 362 4.17 18.40 5.34
CA PRO B 362 5.49 17.97 4.91
C PRO B 362 6.65 18.74 5.55
N PRO B 363 7.84 18.14 5.66
CA PRO B 363 8.14 16.80 5.19
C PRO B 363 7.68 15.75 6.18
N CYS B 364 7.34 14.58 5.66
CA CYS B 364 7.09 13.40 6.46
C CYS B 364 7.42 12.15 5.65
N VAL B 365 7.39 11.01 6.32
CA VAL B 365 7.47 9.72 5.65
C VAL B 365 6.30 8.89 6.14
N PRO B 366 5.23 8.83 5.34
CA PRO B 366 4.07 8.00 5.67
C PRO B 366 4.42 6.54 5.75
N PHE B 367 3.58 5.79 6.44
CA PHE B 367 3.57 4.35 6.36
C PHE B 367 2.80 3.94 5.13
N PHE B 368 3.44 3.15 4.27
CA PHE B 368 2.87 2.84 2.93
C PHE B 368 1.80 1.76 2.93
N GLY B 369 1.90 0.85 3.89
CA GLY B 369 0.99 -0.30 3.97
C GLY B 369 -0.49 0.01 3.84
N ILE B 370 -0.93 1.08 4.47
CA ILE B 370 -2.34 1.46 4.40
C ILE B 370 -2.73 1.75 2.98
N TYR B 371 -1.88 2.44 2.25
CA TYR B 371 -2.20 2.75 0.87
C TYR B 371 -2.32 1.51 0.01
N LEU B 372 -1.44 0.57 0.29
CA LEU B 372 -1.41 -0.65 -0.48
C LEU B 372 -2.68 -1.40 -0.28
N THR B 373 -3.12 -1.55 0.97
CA THR B 373 -4.37 -2.26 1.23
C THR B 373 -5.58 -1.57 0.62
N ASN B 374 -5.62 -0.25 0.71
CA ASN B 374 -6.75 0.47 0.16
C ASN B 374 -6.84 0.39 -1.36
N ILE B 375 -5.70 0.47 -2.03
CA ILE B 375 -5.66 0.29 -3.47
C ILE B 375 -6.13 -1.10 -3.82
N LEU B 376 -5.59 -2.13 -3.18
CA LEU B 376 -5.98 -3.52 -3.50
C LEU B 376 -7.46 -3.75 -3.30
N LYS B 377 -7.98 -3.32 -2.15
CA LYS B 377 -9.38 -3.54 -1.82
C LYS B 377 -10.29 -2.74 -2.73
N THR B 378 -9.82 -1.58 -3.17
CA THR B 378 -10.58 -0.76 -4.10
C THR B 378 -10.72 -1.50 -5.42
N GLU B 379 -9.63 -2.07 -5.91
CA GLU B 379 -9.66 -2.77 -7.18
C GLU B 379 -10.38 -4.11 -7.13
N GLU B 380 -10.21 -4.84 -6.04
CA GLU B 380 -10.88 -6.13 -5.88
C GLU B 380 -12.38 -5.97 -5.56
N GLY B 381 -12.76 -4.87 -4.93
CA GLY B 381 -14.11 -4.75 -4.38
C GLY B 381 -15.11 -4.04 -5.25
N ASN B 382 -14.70 -3.73 -6.49
CA ASN B 382 -15.56 -3.01 -7.42
C ASN B 382 -15.45 -3.64 -8.79
N PRO B 383 -16.56 -3.69 -9.54
CA PRO B 383 -16.49 -4.37 -10.84
C PRO B 383 -15.72 -3.55 -11.85
N GLU B 384 -15.03 -4.23 -12.77
CA GLU B 384 -14.31 -3.59 -13.87
C GLU B 384 -15.32 -2.93 -14.82
N VAL B 385 -16.52 -3.50 -14.97
CA VAL B 385 -17.53 -2.92 -15.86
C VAL B 385 -18.89 -2.84 -15.18
N LEU B 386 -19.73 -1.93 -15.65
CA LEU B 386 -21.11 -1.87 -15.25
C LEU B 386 -21.92 -2.11 -16.50
N LYS B 387 -23.10 -2.69 -16.34
CA LYS B 387 -23.95 -3.00 -17.51
C LYS B 387 -25.17 -2.13 -17.46
N ARG B 388 -25.61 -1.66 -18.62
CA ARG B 388 -26.79 -0.80 -18.71
C ARG B 388 -27.49 -1.11 -20.01
N HIS B 389 -28.79 -1.40 -19.95
CA HIS B 389 -29.54 -1.84 -21.13
C HIS B 389 -28.75 -2.88 -21.95
N GLY B 390 -28.08 -3.79 -21.25
CA GLY B 390 -27.29 -4.84 -21.90
C GLY B 390 -25.96 -4.42 -22.49
N LYS B 391 -25.51 -3.19 -22.19
CA LYS B 391 -24.27 -2.68 -22.75
C LYS B 391 -23.20 -2.55 -21.70
N GLU B 392 -21.98 -2.90 -22.08
CA GLU B 392 -20.86 -2.91 -21.17
C GLU B 392 -20.24 -1.51 -21.10
N LEU B 393 -20.09 -0.95 -19.90
CA LEU B 393 -19.46 0.36 -19.70
C LEU B 393 -18.26 0.22 -18.78
N ILE B 394 -17.18 0.91 -19.09
CA ILE B 394 -16.04 0.88 -18.20
C ILE B 394 -16.35 1.60 -16.89
N ASN B 395 -16.09 0.95 -15.76
CA ASN B 395 -16.34 1.57 -14.47
C ASN B 395 -15.24 2.55 -14.15
N PHE B 396 -15.44 3.81 -14.48
CA PHE B 396 -14.41 4.81 -14.27
C PHE B 396 -14.27 5.27 -12.81
N SER B 397 -15.36 5.29 -12.06
CA SER B 397 -15.29 5.72 -10.68
C SER B 397 -14.35 4.87 -9.85
N LYS B 398 -14.22 3.60 -10.20
CA LYS B 398 -13.29 2.72 -9.49
C LYS B 398 -11.87 3.22 -9.68
N ARG B 399 -11.56 3.63 -10.90
CA ARG B 399 -10.25 4.15 -11.23
C ARG B 399 -9.96 5.47 -10.58
N ARG B 400 -10.95 6.35 -10.58
CA ARG B 400 -10.87 7.60 -9.85
C ARG B 400 -10.46 7.37 -8.40
N LYS B 401 -11.07 6.38 -7.74
CA LYS B 401 -10.75 6.14 -6.32
C LYS B 401 -9.31 5.71 -6.20
N VAL B 402 -8.84 4.90 -7.14
CA VAL B 402 -7.45 4.48 -7.10
C VAL B 402 -6.50 5.65 -7.31
N ALA B 403 -6.83 6.51 -8.27
CA ALA B 403 -6.05 7.72 -8.50
C ALA B 403 -6.07 8.71 -7.34
N GLU B 404 -7.17 8.80 -6.61
CA GLU B 404 -7.16 9.61 -5.38
C GLU B 404 -6.12 9.10 -4.37
N ILE B 405 -5.98 7.78 -4.22
CA ILE B 405 -5.00 7.22 -3.29
C ILE B 405 -3.58 7.51 -3.81
N THR B 406 -3.34 7.28 -5.10
CA THR B 406 -1.99 7.52 -5.63
C THR B 406 -1.67 9.00 -5.57
N GLY B 407 -2.69 9.84 -5.72
CA GLY B 407 -2.53 11.29 -5.55
C GLY B 407 -2.16 11.67 -4.13
N GLU B 408 -2.78 11.04 -3.12
CA GLU B 408 -2.40 11.29 -1.73
CA GLU B 408 -2.41 11.29 -1.73
C GLU B 408 -0.93 10.89 -1.47
N ILE B 409 -0.49 9.80 -2.07
CA ILE B 409 0.90 9.36 -1.93
C ILE B 409 1.89 10.41 -2.43
N GLN B 410 1.60 10.93 -3.61
CA GLN B 410 2.44 11.94 -4.27
C GLN B 410 2.51 13.26 -3.54
N GLN B 411 1.46 13.64 -2.81
CA GLN B 411 1.47 14.94 -2.11
C GLN B 411 2.58 14.96 -1.04
N TYR B 412 2.89 13.80 -0.46
CA TYR B 412 3.95 13.72 0.57
C TYR B 412 5.34 13.43 -0.01
N GLN B 413 5.43 13.37 -1.33
CA GLN B 413 6.69 13.09 -2.02
C GLN B 413 7.45 14.33 -2.50
N ASN B 414 6.87 15.52 -2.43
CA ASN B 414 7.53 16.68 -3.06
C ASN B 414 8.56 17.38 -2.20
N GLN B 415 8.41 17.25 -0.89
CA GLN B 415 9.20 18.04 0.04
C GLN B 415 10.27 17.25 0.77
N PRO B 416 11.54 17.57 0.51
CA PRO B 416 12.64 16.88 1.19
C PRO B 416 12.91 17.40 2.60
N TYR B 417 13.66 16.62 3.36
CA TYR B 417 14.02 17.01 4.73
C TYR B 417 15.22 17.96 4.71
N CYS B 418 15.23 18.91 5.64
CA CYS B 418 16.38 19.78 5.82
C CYS B 418 17.38 19.15 6.81
N LEU B 419 18.04 18.07 6.37
CA LEU B 419 19.04 17.32 7.16
C LEU B 419 20.25 16.94 6.31
N ARG B 420 21.46 17.09 6.85
CA ARG B 420 22.67 16.71 6.10
C ARG B 420 22.83 15.20 6.16
N VAL B 421 23.08 14.61 4.99
CA VAL B 421 23.45 13.20 4.89
C VAL B 421 24.80 13.00 5.57
N GLU B 422 25.01 11.87 6.23
CA GLU B 422 26.34 11.47 6.67
C GLU B 422 26.64 10.14 5.98
N SER B 423 27.61 10.12 5.09
CA SER B 423 27.64 9.06 4.11
C SER B 423 28.09 7.73 4.72
N ASP B 424 28.89 7.76 5.79
CA ASP B 424 29.23 6.53 6.51
C ASP B 424 28.06 5.95 7.29
N ILE B 425 27.30 6.79 7.96
CA ILE B 425 26.16 6.29 8.73
C ILE B 425 25.12 5.77 7.77
N LYS B 426 24.93 6.51 6.68
CA LYS B 426 24.07 6.08 5.62
C LYS B 426 24.44 4.69 5.08
N ARG B 427 25.71 4.48 4.76
N ARG B 427 25.73 4.51 4.76
CA ARG B 427 26.15 3.19 4.24
CA ARG B 427 26.29 3.24 4.32
C ARG B 427 25.93 2.09 5.30
C ARG B 427 25.94 2.12 5.30
N PHE B 428 26.19 2.39 6.57
CA PHE B 428 26.00 1.41 7.63
C PHE B 428 24.58 0.87 7.61
N PHE B 429 23.59 1.75 7.51
CA PHE B 429 22.20 1.29 7.51
C PHE B 429 21.73 0.70 6.19
N GLU B 430 22.33 1.11 5.08
CA GLU B 430 22.00 0.48 3.79
C GLU B 430 22.45 -0.97 3.71
N ASN B 431 23.63 -1.25 4.26
CA ASN B 431 24.22 -2.60 4.23
C ASN B 431 23.85 -3.44 5.44
N LEU B 432 23.01 -2.93 6.34
CA LEU B 432 22.50 -3.75 7.44
C LEU B 432 21.92 -5.05 6.91
N ASN B 433 22.26 -6.17 7.52
CA ASN B 433 21.74 -7.46 7.10
C ASN B 433 21.63 -8.41 8.30
N PRO B 434 20.62 -8.18 9.15
CA PRO B 434 20.47 -8.97 10.37
C PRO B 434 20.20 -10.44 10.11
N MET B 435 19.45 -10.74 9.06
CA MET B 435 19.19 -12.13 8.69
C MET B 435 20.43 -12.90 8.21
N GLY B 436 21.43 -12.23 7.65
CA GLY B 436 22.60 -12.95 7.10
C GLY B 436 22.18 -13.85 5.93
N ASN B 437 22.75 -15.07 5.89
CA ASN B 437 22.37 -16.10 4.91
C ASN B 437 21.12 -16.95 5.26
N SER B 438 20.50 -16.71 6.42
CA SER B 438 19.35 -17.50 6.87
C SER B 438 18.06 -17.16 6.14
N MET B 439 17.22 -18.17 5.99
CA MET B 439 15.87 -17.95 5.54
C MET B 439 15.06 -17.36 6.69
N GLU B 440 13.92 -16.77 6.34
CA GLU B 440 13.02 -16.12 7.29
C GLU B 440 12.67 -16.99 8.51
N LYS B 441 12.18 -18.20 8.24
CA LYS B 441 11.63 -19.06 9.28
C LYS B 441 12.76 -19.34 10.28
N GLU B 442 13.82 -19.94 9.77
CA GLU B 442 15.06 -20.20 10.53
C GLU B 442 15.43 -18.98 11.41
N PHE B 443 15.44 -17.78 10.80
CA PHE B 443 15.84 -16.57 11.52
C PHE B 443 14.89 -16.15 12.63
N THR B 444 13.60 -16.19 12.35
CA THR B 444 12.65 -15.74 13.35
C THR B 444 12.51 -16.80 14.45
N ASP B 445 12.70 -18.07 14.12
CA ASP B 445 12.81 -19.11 15.15
C ASP B 445 14.03 -18.87 16.02
N TYR B 446 15.12 -18.43 15.41
CA TYR B 446 16.32 -18.15 16.19
C TYR B 446 16.06 -16.98 17.14
N LEU B 447 15.42 -15.93 16.66
CA LEU B 447 15.07 -14.83 17.55
C LEU B 447 14.16 -15.28 18.71
N PHE B 448 13.17 -16.12 18.41
CA PHE B 448 12.24 -16.54 19.43
C PHE B 448 12.97 -17.41 20.46
N ASN B 449 13.74 -18.39 19.99
CA ASN B 449 14.51 -19.21 20.90
C ASN B 449 15.44 -18.38 21.74
N LYS B 450 16.01 -17.34 21.17
CA LYS B 450 16.89 -16.47 21.93
C LYS B 450 16.11 -15.74 23.02
N SER B 451 14.89 -15.32 22.67
CA SER B 451 14.00 -14.70 23.65
C SER B 451 13.72 -15.64 24.82
N LEU B 452 13.37 -16.88 24.50
CA LEU B 452 13.13 -17.89 25.56
C LEU B 452 14.34 -18.13 26.45
N GLU B 453 15.54 -18.05 25.89
CA GLU B 453 16.76 -18.31 26.63
C GLU B 453 17.02 -17.18 27.62
N ILE B 454 16.84 -15.96 27.17
CA ILE B 454 17.16 -14.81 28.02
C ILE B 454 16.11 -14.51 29.10
N GLU B 455 14.84 -14.84 28.84
CA GLU B 455 13.75 -14.71 29.82
C GLU B 455 12.85 -15.92 29.65
N PRO B 456 13.20 -17.02 30.33
CA PRO B 456 12.41 -18.26 30.25
C PRO B 456 10.95 -18.08 30.66
N ARG B 457 10.08 -18.97 30.18
CA ARG B 457 8.67 -19.04 30.62
C ARG B 457 8.54 -19.32 32.11
N ASN B 458 7.52 -18.75 32.73
CA ASN B 458 7.14 -19.12 34.07
C ASN B 458 6.75 -20.59 34.01
N PRO B 459 7.16 -21.38 34.99
CA PRO B 459 7.77 -20.91 36.22
C PRO B 459 9.32 -20.87 36.25
N LYS B 460 10.01 -21.03 35.13
CA LYS B 460 11.48 -21.09 35.20
C LYS B 460 12.07 -19.79 35.78
N PRO B 461 13.10 -19.91 36.63
CA PRO B 461 13.71 -18.69 37.19
C PRO B 461 14.55 -17.94 36.14
N LEU B 462 14.75 -16.65 36.39
CA LEU B 462 15.44 -15.82 35.43
C LEU B 462 16.94 -15.98 35.65
N PRO B 463 17.67 -16.39 34.60
CA PRO B 463 19.12 -16.51 34.76
C PRO B 463 19.80 -15.15 34.70
N ARG B 464 21.09 -15.14 34.99
CA ARG B 464 21.93 -13.98 34.74
C ARG B 464 22.84 -14.30 33.58
N PHE B 465 23.28 -13.26 32.92
CA PHE B 465 24.15 -13.37 31.76
C PHE B 465 25.16 -12.27 31.87
N PRO B 466 26.37 -12.49 31.34
CA PRO B 466 27.40 -11.45 31.45
C PRO B 466 27.21 -10.31 30.44
N LYS B 467 27.86 -9.18 30.74
CA LYS B 467 27.81 -7.98 29.92
C LYS B 467 28.63 -8.17 28.65
N LYS B 468 28.14 -7.64 27.54
CA LYS B 468 28.86 -7.72 26.27
C LYS B 468 29.41 -6.36 25.83
N TYR B 469 28.99 -5.27 26.45
CA TYR B 469 29.41 -3.97 25.96
C TYR B 469 30.46 -3.40 26.91
N SER B 470 31.61 -3.06 26.36
CA SER B 470 32.75 -2.52 27.13
C SER B 470 32.83 -0.99 27.08
N TYR B 471 31.84 -0.32 26.49
CA TYR B 471 31.71 1.13 26.53
C TYR B 471 30.50 1.50 27.41
N PRO B 472 30.37 2.79 27.81
CA PRO B 472 29.23 3.10 28.70
C PRO B 472 27.89 3.07 28.00
N LEU B 473 26.87 2.74 28.78
CA LEU B 473 25.52 2.51 28.28
C LEU B 473 24.63 3.76 28.34
N LYS B 474 25.07 4.79 29.06
CA LYS B 474 24.24 5.97 29.30
C LYS B 474 23.95 6.64 27.98
N SER B 475 22.71 7.03 27.76
CA SER B 475 22.37 7.70 26.50
C SER B 475 22.76 9.17 26.59
N PRO B 476 23.21 9.74 25.47
CA PRO B 476 23.38 11.19 25.43
C PRO B 476 22.06 11.95 25.29
N GLY B 477 20.93 11.24 25.23
CA GLY B 477 19.66 11.92 25.14
C GLY B 477 19.35 12.38 23.72
N VAL B 478 18.25 13.10 23.61
CA VAL B 478 17.58 13.32 22.35
C VAL B 478 17.45 14.81 22.01
N ARG B 479 18.21 15.62 22.74
CA ARG B 479 18.34 17.05 22.53
C ARG B 479 19.68 17.36 21.87
N PRO B 480 19.68 18.20 20.82
CA PRO B 480 20.91 18.69 20.19
C PRO B 480 21.95 19.21 21.16
N SER B 481 23.20 18.83 20.91
CA SER B 481 24.32 19.12 21.82
C SER B 481 24.84 20.55 21.71
N ASN B 482 24.66 21.17 20.53
CA ASN B 482 25.10 22.56 20.27
C ASN B 482 23.96 23.37 19.63
N PRO B 483 24.04 24.71 19.74
CA PRO B 483 22.98 25.62 19.24
C PRO B 483 22.90 25.95 17.72
N ARG B 484 21.68 26.00 17.18
CA ARG B 484 21.34 26.63 15.89
C ARG B 484 22.03 25.95 14.69
#